data_8X8H
#
_entry.id   8X8H
#
_cell.length_a   81.100
_cell.length_b   81.100
_cell.length_c   251.942
_cell.angle_alpha   90.00
_cell.angle_beta   90.00
_cell.angle_gamma   90.00
#
_symmetry.space_group_name_H-M   'P 41 21 2'
#
loop_
_entity.id
_entity.type
_entity.pdbx_description
1 polymer 'Pectate disaccharide-lyase'
2 water water
#
_entity_poly.entity_id   1
_entity_poly.type   'polypeptide(L)'
_entity_poly.pdbx_seq_one_letter_code
;MGATTTTHELNVSNSMTVGQYSSDFTLNGFTFITGGSIWEVDSSSRSYGGVNFTQRVKSGGKGTISKRAISFTASGAGQL
TVYAMSSGSTSRNVTLYGNGKDLESFTAVQDVITAMNFTIPNSGTYVIYPPDDGISYYYLKVVKTDSTPTPTPTVKPTQT
PTPTPTLEHHHHHH
;
_entity_poly.pdbx_strand_id   A,B,C,D
#
# COMPACT_ATOMS: atom_id res chain seq x y z
N ALA A 3 -7.27 29.46 -15.34
CA ALA A 3 -8.06 28.47 -14.59
C ALA A 3 -7.42 27.08 -14.66
N THR A 4 -7.10 26.48 -13.51
CA THR A 4 -6.44 25.19 -13.52
C THR A 4 -7.06 24.27 -12.47
N THR A 5 -6.75 22.97 -12.58
CA THR A 5 -7.18 21.99 -11.60
C THR A 5 -5.96 21.22 -11.08
N THR A 6 -5.81 21.16 -9.77
CA THR A 6 -4.75 20.37 -9.17
C THR A 6 -5.13 18.90 -9.20
N THR A 7 -4.31 18.07 -9.87
CA THR A 7 -4.62 16.65 -10.03
C THR A 7 -3.67 15.73 -9.27
N HIS A 8 -2.50 16.23 -8.87
CA HIS A 8 -1.53 15.43 -8.12
C HIS A 8 -0.91 16.33 -7.07
N GLU A 9 -0.66 15.77 -5.90
CA GLU A 9 0.13 16.47 -4.90
C GLU A 9 0.82 15.48 -3.97
N LEU A 10 2.05 15.80 -3.62
CA LEU A 10 2.81 14.96 -2.69
C LEU A 10 3.66 15.88 -1.83
N ASN A 11 3.18 16.18 -0.63
CA ASN A 11 4.00 16.79 0.42
C ASN A 11 4.66 15.65 1.19
N VAL A 12 6.00 15.54 1.05
CA VAL A 12 6.75 14.44 1.67
C VAL A 12 6.57 14.46 3.19
N SER A 13 6.38 15.65 3.76
CA SER A 13 6.17 15.77 5.20
C SER A 13 4.86 15.14 5.64
N ASN A 14 3.85 15.11 4.76
CA ASN A 14 2.52 14.61 5.12
C ASN A 14 2.20 13.26 4.52
N SER A 15 2.89 12.84 3.46
CA SER A 15 2.51 11.62 2.78
C SER A 15 3.55 10.53 2.81
N MET A 16 4.72 10.76 3.37
CA MET A 16 5.73 9.73 3.48
C MET A 16 6.17 9.62 4.92
N THR A 17 6.85 8.51 5.24
CA THR A 17 7.42 8.33 6.56
C THR A 17 8.86 7.88 6.43
N VAL A 18 9.64 8.18 7.47
CA VAL A 18 11.08 7.91 7.48
C VAL A 18 11.35 6.44 7.21
N GLY A 19 12.33 6.17 6.36
CA GLY A 19 12.60 4.80 5.98
C GLY A 19 13.40 4.70 4.69
N GLN A 20 13.62 3.46 4.32
CA GLN A 20 14.41 3.11 3.14
C GLN A 20 13.63 2.09 2.33
N TYR A 21 13.57 2.31 1.03
CA TYR A 21 12.66 1.57 0.14
C TYR A 21 13.44 1.10 -1.09
N SER A 22 13.39 -0.20 -1.37
CA SER A 22 14.22 -0.78 -2.41
C SER A 22 13.43 -1.33 -3.58
N SER A 23 12.11 -1.21 -3.57
CA SER A 23 11.31 -1.70 -4.68
C SER A 23 10.42 -0.55 -5.14
N ASP A 24 10.10 -0.56 -6.43
CA ASP A 24 9.34 0.53 -7.02
C ASP A 24 7.92 0.54 -6.47
N PHE A 25 7.38 1.74 -6.25
CA PHE A 25 6.08 1.91 -5.62
C PHE A 25 5.45 3.19 -6.13
N THR A 26 4.14 3.28 -5.93
CA THR A 26 3.38 4.45 -6.40
C THR A 26 2.71 5.07 -5.20
N LEU A 27 2.80 6.39 -5.09
CA LEU A 27 2.27 7.13 -3.96
C LEU A 27 1.69 8.42 -4.47
N ASN A 28 0.41 8.67 -4.19
CA ASN A 28 -0.22 9.94 -4.60
C ASN A 28 -0.09 10.18 -6.11
N GLY A 29 -0.10 9.09 -6.87
CA GLY A 29 0.00 9.13 -8.32
C GLY A 29 1.41 9.27 -8.88
N PHE A 30 2.43 9.34 -8.01
CA PHE A 30 3.82 9.42 -8.41
C PHE A 30 4.48 8.06 -8.25
N THR A 31 5.20 7.60 -9.26
CA THR A 31 5.83 6.29 -9.20
C THR A 31 7.32 6.48 -8.97
N PHE A 32 7.80 5.95 -7.85
CA PHE A 32 9.20 6.03 -7.45
C PHE A 32 9.93 4.83 -8.04
N ILE A 33 10.96 5.11 -8.83
CA ILE A 33 11.61 4.10 -9.67
C ILE A 33 13.04 3.93 -9.17
N THR A 34 13.36 2.73 -8.64
CA THR A 34 14.64 2.54 -7.97
C THR A 34 15.79 2.31 -8.94
N GLY A 35 15.57 1.56 -10.02
CA GLY A 35 16.66 1.10 -10.86
C GLY A 35 17.72 0.36 -10.06
N GLY A 36 17.29 -0.31 -8.99
CA GLY A 36 18.20 -1.06 -8.15
C GLY A 36 18.84 -0.27 -7.03
N SER A 37 18.55 1.01 -6.90
CA SER A 37 19.04 1.80 -5.77
C SER A 37 17.94 1.96 -4.73
N ILE A 38 18.29 2.59 -3.62
CA ILE A 38 17.37 2.86 -2.52
C ILE A 38 16.78 4.26 -2.68
N TRP A 39 15.47 4.39 -2.48
CA TRP A 39 14.84 5.67 -2.17
C TRP A 39 14.74 5.81 -0.66
N GLU A 40 15.14 6.98 -0.13
CA GLU A 40 15.17 7.17 1.32
C GLU A 40 14.42 8.43 1.73
N VAL A 41 13.57 8.28 2.75
CA VAL A 41 12.88 9.38 3.41
C VAL A 41 13.58 9.63 4.74
N ASP A 42 13.97 10.88 5.03
CA ASP A 42 14.53 11.18 6.34
C ASP A 42 14.09 12.57 6.77
N SER A 43 14.48 12.97 7.99
CA SER A 43 14.07 14.27 8.53
C SER A 43 14.96 15.36 7.96
N SER A 44 14.34 16.45 7.50
CA SER A 44 15.07 17.59 6.98
C SER A 44 14.11 18.75 7.03
N SER A 45 14.43 19.80 7.80
CA SER A 45 13.57 20.95 7.96
C SER A 45 14.02 22.05 7.00
N ARG A 46 13.15 22.39 6.05
CA ARG A 46 13.38 23.50 5.11
C ARG A 46 12.05 24.20 4.85
N SER A 47 12.12 25.48 4.53
CA SER A 47 10.91 26.26 4.26
C SER A 47 10.95 26.82 2.86
N TYR A 48 9.77 27.06 2.30
CA TYR A 48 9.65 27.80 1.06
C TYR A 48 8.27 28.43 1.00
N GLY A 49 8.22 29.71 0.68
CA GLY A 49 6.95 30.37 0.46
C GLY A 49 6.00 30.28 1.63
N GLY A 50 6.52 30.44 2.84
CA GLY A 50 5.70 30.40 4.04
C GLY A 50 5.26 29.02 4.48
N VAL A 51 5.67 27.95 3.79
CA VAL A 51 5.37 26.57 4.17
C VAL A 51 6.63 25.95 4.77
N ASN A 52 6.46 25.22 5.87
CA ASN A 52 7.57 24.56 6.55
C ASN A 52 7.50 23.07 6.29
N PHE A 53 8.59 22.51 5.78
CA PHE A 53 8.67 21.08 5.52
C PHE A 53 9.58 20.44 6.57
N THR A 54 9.29 19.17 6.89
CA THR A 54 10.05 18.45 7.90
C THR A 54 10.67 17.15 7.40
N GLN A 55 10.24 16.63 6.26
CA GLN A 55 10.86 15.46 5.67
C GLN A 55 11.20 15.69 4.22
N ARG A 56 12.19 14.96 3.75
CA ARG A 56 12.55 14.92 2.35
C ARG A 56 12.58 13.47 1.90
N VAL A 57 12.43 13.30 0.59
CA VAL A 57 12.75 12.05 -0.07
C VAL A 57 13.93 12.32 -0.99
N LYS A 58 15.03 11.58 -0.79
CA LYS A 58 16.29 11.89 -1.47
C LYS A 58 16.70 10.76 -2.38
N SER A 59 17.28 11.10 -3.53
CA SER A 59 17.54 10.09 -4.55
C SER A 59 18.70 9.19 -4.17
N GLY A 60 19.56 9.64 -3.26
CA GLY A 60 20.74 8.90 -2.91
C GLY A 60 21.89 9.01 -3.89
N GLY A 61 21.75 9.83 -4.94
CA GLY A 61 22.81 9.99 -5.91
C GLY A 61 22.24 10.36 -7.27
N LYS A 62 23.11 10.29 -8.27
CA LYS A 62 22.67 10.57 -9.63
C LYS A 62 21.87 9.40 -10.18
N GLY A 63 21.04 9.70 -11.18
CA GLY A 63 20.18 8.69 -11.75
C GLY A 63 19.87 8.90 -13.21
N THR A 64 18.87 8.21 -13.73
CA THR A 64 18.43 8.31 -15.13
C THR A 64 16.90 8.25 -15.12
N ILE A 65 16.29 8.15 -16.30
CA ILE A 65 14.84 7.96 -16.34
C ILE A 65 14.42 6.59 -15.84
N SER A 66 15.36 5.68 -15.60
CA SER A 66 14.99 4.36 -15.06
C SER A 66 15.71 4.06 -13.75
N LYS A 67 16.28 5.07 -13.10
CA LYS A 67 17.05 4.86 -11.88
C LYS A 67 16.99 6.14 -11.04
N ARG A 68 16.52 6.00 -9.81
CA ARG A 68 16.28 7.13 -8.91
C ARG A 68 15.40 8.18 -9.59
N ALA A 69 14.33 7.70 -10.23
CA ALA A 69 13.46 8.57 -10.99
C ALA A 69 12.07 8.61 -10.35
N ILE A 70 11.34 9.68 -10.65
CA ILE A 70 9.95 9.81 -10.22
C ILE A 70 9.06 10.10 -11.43
N SER A 71 8.08 9.25 -11.68
CA SER A 71 7.23 9.43 -12.85
C SER A 71 5.78 9.71 -12.42
N PHE A 72 5.03 10.26 -13.37
CA PHE A 72 3.61 10.54 -13.19
C PHE A 72 2.98 10.64 -14.56
N THR A 73 1.67 10.46 -14.61
CA THR A 73 0.93 10.56 -15.86
C THR A 73 0.00 11.76 -15.77
N ALA A 74 0.09 12.65 -16.75
CA ALA A 74 -0.70 13.88 -16.80
C ALA A 74 -1.88 13.64 -17.75
N SER A 75 -3.06 14.13 -17.38
CA SER A 75 -4.20 13.98 -18.28
C SER A 75 -4.34 15.13 -19.29
N GLY A 76 -3.50 16.16 -19.20
CA GLY A 76 -3.53 17.24 -20.18
C GLY A 76 -2.37 18.17 -19.95
N ALA A 77 -2.31 19.22 -20.76
CA ALA A 77 -1.28 20.25 -20.56
C ALA A 77 -1.44 20.94 -19.21
N GLY A 78 -0.31 21.34 -18.63
CA GLY A 78 -0.32 21.99 -17.33
C GLY A 78 1.05 22.35 -16.82
N GLN A 79 1.22 22.31 -15.49
CA GLN A 79 2.46 22.72 -14.84
C GLN A 79 2.80 21.71 -13.76
N LEU A 80 4.07 21.32 -13.67
CA LEU A 80 4.57 20.50 -12.57
C LEU A 80 5.42 21.37 -11.68
N THR A 81 5.13 21.37 -10.38
CA THR A 81 5.93 22.09 -9.41
C THR A 81 6.78 21.07 -8.65
N VAL A 82 8.08 21.33 -8.56
CA VAL A 82 9.01 20.50 -7.78
C VAL A 82 9.76 21.42 -6.82
N TYR A 83 9.70 21.11 -5.51
CA TYR A 83 10.53 21.75 -4.50
C TYR A 83 11.71 20.83 -4.20
N ALA A 84 12.90 21.26 -4.58
CA ALA A 84 14.07 20.39 -4.52
C ALA A 84 15.27 21.19 -4.03
N MET A 85 16.22 20.46 -3.45
CA MET A 85 17.48 21.00 -2.94
C MET A 85 18.60 20.04 -3.34
N SER A 86 19.76 20.57 -3.69
CA SER A 86 20.93 19.71 -3.81
C SER A 86 21.15 19.01 -2.47
N SER A 87 21.46 17.71 -2.52
CA SER A 87 21.74 17.05 -1.24
C SER A 87 23.13 17.35 -0.72
N GLY A 88 23.95 18.09 -1.44
CA GLY A 88 25.28 18.43 -0.99
C GLY A 88 25.58 19.90 -1.25
N SER A 89 26.85 20.21 -1.44
CA SER A 89 27.18 21.62 -1.50
C SER A 89 27.23 22.16 -2.93
N THR A 90 27.15 21.29 -3.94
CA THR A 90 27.24 21.70 -5.34
C THR A 90 25.85 21.82 -5.96
N SER A 91 25.74 22.74 -6.91
CA SER A 91 24.52 22.86 -7.70
C SER A 91 24.34 21.65 -8.60
N ARG A 92 23.08 21.21 -8.76
CA ARG A 92 22.75 19.98 -9.48
C ARG A 92 21.43 20.17 -10.25
N ASN A 93 21.35 19.57 -11.43
CA ASN A 93 20.12 19.64 -12.22
C ASN A 93 19.05 18.67 -11.71
N VAL A 94 17.80 19.11 -11.83
CA VAL A 94 16.64 18.22 -11.91
C VAL A 94 16.08 18.33 -13.32
N THR A 95 15.89 17.19 -14.00
CA THR A 95 15.49 17.14 -15.40
C THR A 95 14.11 16.49 -15.53
N LEU A 96 13.27 17.08 -16.37
CA LEU A 96 11.99 16.51 -16.75
C LEU A 96 12.12 15.86 -18.13
N TYR A 97 11.77 14.58 -18.21
CA TYR A 97 11.74 13.85 -19.47
C TYR A 97 10.30 13.54 -19.86
N GLY A 98 10.01 13.72 -21.14
CA GLY A 98 8.68 13.39 -21.66
C GLY A 98 8.70 13.56 -23.15
N ASN A 99 7.65 13.05 -23.81
CA ASN A 99 7.59 13.06 -25.27
C ASN A 99 8.89 12.54 -25.87
N GLY A 100 9.47 11.54 -25.22
CA GLY A 100 10.66 10.90 -25.74
C GLY A 100 11.96 11.67 -25.62
N LYS A 101 12.04 12.69 -24.75
CA LYS A 101 13.28 13.47 -24.70
C LYS A 101 13.37 14.23 -23.38
N ASP A 102 14.59 14.64 -23.05
CA ASP A 102 14.76 15.63 -22.00
C ASP A 102 14.14 16.93 -22.47
N LEU A 103 13.18 17.43 -21.71
CA LEU A 103 12.42 18.61 -22.09
C LEU A 103 12.93 19.89 -21.45
N GLU A 104 13.45 19.79 -20.23
CA GLU A 104 13.67 20.98 -19.43
C GLU A 104 14.45 20.56 -18.18
N SER A 105 15.35 21.43 -17.72
CA SER A 105 16.10 21.19 -16.49
C SER A 105 16.07 22.44 -15.64
N PHE A 106 16.14 22.25 -14.33
CA PHE A 106 16.16 23.32 -13.36
C PHE A 106 17.31 23.07 -12.38
N THR A 107 18.05 24.12 -12.08
CA THR A 107 19.19 24.02 -11.17
C THR A 107 18.69 24.00 -9.73
N ALA A 108 19.07 22.97 -8.97
CA ALA A 108 18.92 22.95 -7.51
C ALA A 108 20.24 23.38 -6.89
N VAL A 109 20.16 24.22 -5.87
CA VAL A 109 21.34 24.75 -5.19
C VAL A 109 21.41 24.12 -3.80
N GLN A 110 22.54 24.32 -3.13
CA GLN A 110 22.69 23.79 -1.77
C GLN A 110 21.83 24.54 -0.75
N ASP A 111 21.49 23.83 0.33
CA ASP A 111 21.02 24.40 1.59
C ASP A 111 19.59 24.91 1.57
N VAL A 112 19.07 25.36 0.43
CA VAL A 112 17.71 25.92 0.41
C VAL A 112 16.92 25.29 -0.72
N ILE A 113 15.60 25.31 -0.56
CA ILE A 113 14.68 24.79 -1.57
C ILE A 113 14.66 25.73 -2.77
N THR A 114 14.69 25.18 -3.98
CA THR A 114 14.34 25.88 -5.21
C THR A 114 12.97 25.43 -5.67
N ALA A 115 12.07 26.39 -5.96
CA ALA A 115 10.79 26.08 -6.57
C ALA A 115 10.97 25.97 -8.09
N MET A 116 10.73 24.78 -8.62
CA MET A 116 10.92 24.48 -10.03
C MET A 116 9.57 24.34 -10.71
N ASN A 117 9.34 25.15 -11.74
CA ASN A 117 8.08 25.17 -12.46
C ASN A 117 8.35 24.53 -13.82
N PHE A 118 7.94 23.28 -13.97
CA PHE A 118 8.17 22.55 -15.22
C PHE A 118 6.90 22.59 -16.06
N THR A 119 7.07 22.89 -17.35
CA THR A 119 5.95 22.85 -18.28
C THR A 119 5.59 21.43 -18.63
N ILE A 120 4.29 21.11 -18.52
CA ILE A 120 3.73 19.87 -19.05
C ILE A 120 3.03 20.21 -20.36
N PRO A 121 3.60 19.87 -21.53
CA PRO A 121 3.02 20.37 -22.79
C PRO A 121 1.81 19.61 -23.27
N ASN A 122 1.57 18.40 -22.76
CA ASN A 122 0.45 17.60 -23.25
C ASN A 122 0.25 16.41 -22.31
N SER A 123 -0.89 15.75 -22.45
CA SER A 123 -1.13 14.53 -21.67
C SER A 123 -0.05 13.50 -21.95
N GLY A 124 0.24 12.67 -20.96
CA GLY A 124 1.25 11.64 -21.13
C GLY A 124 1.98 11.37 -19.82
N THR A 125 2.99 10.51 -19.92
CA THR A 125 3.78 10.12 -18.75
C THR A 125 5.14 10.83 -18.78
N TYR A 126 5.52 11.42 -17.66
CA TYR A 126 6.71 12.24 -17.53
C TYR A 126 7.60 11.71 -16.42
N VAL A 127 8.90 12.01 -16.49
CA VAL A 127 9.85 11.44 -15.55
C VAL A 127 10.76 12.54 -15.03
N ILE A 128 10.88 12.62 -13.70
CA ILE A 128 11.75 13.56 -12.99
C ILE A 128 12.98 12.80 -12.52
N TYR A 129 14.18 13.23 -12.91
CA TYR A 129 15.35 12.46 -12.51
C TYR A 129 16.54 13.39 -12.27
N PRO A 130 17.56 12.92 -11.56
CA PRO A 130 18.68 13.77 -11.16
C PRO A 130 19.95 13.40 -11.91
N PRO A 131 20.26 14.09 -13.02
CA PRO A 131 21.38 13.61 -13.86
C PRO A 131 22.76 13.79 -13.25
N ASP A 132 22.93 14.71 -12.31
CA ASP A 132 24.28 15.06 -11.86
C ASP A 132 24.67 14.36 -10.56
N ASP A 133 23.83 14.44 -9.53
CA ASP A 133 24.13 13.90 -8.21
C ASP A 133 22.84 13.95 -7.39
N GLY A 134 22.94 13.57 -6.12
CA GLY A 134 21.75 13.38 -5.30
C GLY A 134 20.94 14.66 -5.12
N ILE A 135 19.63 14.49 -5.12
CA ILE A 135 18.68 15.58 -4.95
C ILE A 135 17.74 15.21 -3.80
N SER A 136 17.40 16.20 -2.99
CA SER A 136 16.38 16.10 -1.95
C SER A 136 15.09 16.75 -2.43
N TYR A 137 13.99 16.00 -2.42
CA TYR A 137 12.69 16.51 -2.81
C TYR A 137 11.79 16.71 -1.59
N TYR A 138 11.07 17.84 -1.53
CA TYR A 138 10.16 18.16 -0.44
C TYR A 138 8.69 18.16 -0.84
N TYR A 139 8.39 18.44 -2.10
CA TYR A 139 7.01 18.77 -2.48
C TYR A 139 6.90 18.64 -3.99
N LEU A 140 5.82 17.98 -4.43
CA LEU A 140 5.48 17.81 -5.84
C LEU A 140 4.01 18.17 -6.02
N LYS A 141 3.71 18.82 -7.14
CA LYS A 141 2.33 19.14 -7.47
C LYS A 141 2.18 19.15 -8.99
N VAL A 142 1.07 18.60 -9.47
CA VAL A 142 0.72 18.69 -10.88
C VAL A 142 -0.58 19.45 -11.00
N VAL A 143 -0.61 20.40 -11.92
CA VAL A 143 -1.75 21.27 -12.11
C VAL A 143 -2.10 21.22 -13.59
N LYS A 144 -3.36 20.98 -13.89
CA LYS A 144 -3.83 20.79 -15.26
C LYS A 144 -4.55 22.04 -15.73
N THR A 145 -4.21 22.51 -16.93
CA THR A 145 -4.89 23.69 -17.48
C THR A 145 -6.32 23.33 -17.85
N ASP A 146 -7.27 24.13 -17.39
CA ASP A 146 -8.70 23.77 -17.58
C ASP A 146 -9.12 23.83 -19.05
N ALA B 3 -7.14 8.28 29.13
CA ALA B 3 -5.91 8.78 28.50
C ALA B 3 -5.59 8.02 27.21
N THR B 4 -5.22 8.78 26.18
CA THR B 4 -4.97 8.22 24.87
C THR B 4 -3.74 8.87 24.25
N THR B 5 -3.22 8.22 23.21
CA THR B 5 -2.15 8.76 22.39
C THR B 5 -2.65 8.89 20.95
N THR B 6 -2.44 10.06 20.33
CA THR B 6 -2.89 10.27 18.96
C THR B 6 -1.93 9.59 18.00
N THR B 7 -2.45 8.66 17.20
CA THR B 7 -1.59 8.02 16.23
C THR B 7 -1.75 8.57 14.82
N HIS B 8 -2.92 9.13 14.44
CA HIS B 8 -3.08 9.77 13.12
C HIS B 8 -4.04 10.92 13.27
N GLU B 9 -3.77 12.04 12.58
CA GLU B 9 -4.69 13.16 12.67
C GLU B 9 -4.63 13.94 11.37
N LEU B 10 -5.80 14.30 10.85
CA LEU B 10 -5.90 14.97 9.55
C LEU B 10 -6.95 16.08 9.66
N ASN B 11 -6.48 17.33 9.67
CA ASN B 11 -7.35 18.48 9.52
C ASN B 11 -7.27 18.85 8.04
N VAL B 12 -8.37 18.62 7.30
CA VAL B 12 -8.40 18.85 5.86
C VAL B 12 -8.02 20.29 5.52
N SER B 13 -8.30 21.22 6.43
CA SER B 13 -7.97 22.62 6.15
C SER B 13 -6.47 22.86 6.17
N ASN B 14 -5.71 22.03 6.89
CA ASN B 14 -4.28 22.29 7.08
C ASN B 14 -3.38 21.43 6.22
N SER B 15 -3.83 20.27 5.76
CA SER B 15 -2.89 19.33 5.17
C SER B 15 -3.34 18.88 3.80
N MET B 16 -4.36 19.50 3.24
CA MET B 16 -4.86 19.13 1.93
C MET B 16 -4.98 20.38 1.08
N THR B 17 -5.07 20.16 -0.23
CA THR B 17 -5.01 21.23 -1.22
C THR B 17 -6.18 21.06 -2.18
N VAL B 18 -6.87 22.17 -2.48
CA VAL B 18 -8.01 22.11 -3.39
C VAL B 18 -7.58 21.43 -4.69
N GLY B 19 -8.39 20.50 -5.16
CA GLY B 19 -7.99 19.66 -6.27
C GLY B 19 -8.97 18.52 -6.50
N GLN B 20 -8.69 17.78 -7.57
CA GLN B 20 -9.47 16.62 -7.98
C GLN B 20 -8.50 15.47 -8.21
N TYR B 21 -8.54 14.47 -7.33
CA TYR B 21 -7.55 13.41 -7.29
C TYR B 21 -8.17 12.11 -7.77
N SER B 22 -7.63 11.56 -8.85
CA SER B 22 -8.15 10.32 -9.40
C SER B 22 -7.24 9.12 -9.15
N SER B 23 -6.14 9.28 -8.42
CA SER B 23 -5.38 8.15 -7.92
C SER B 23 -5.38 8.17 -6.40
N ASP B 24 -5.24 6.99 -5.81
CA ASP B 24 -5.09 6.88 -4.36
C ASP B 24 -4.03 7.84 -3.88
N PHE B 25 -4.25 8.39 -2.69
CA PHE B 25 -3.24 9.25 -2.09
C PHE B 25 -3.32 9.08 -0.57
N THR B 26 -2.19 9.30 0.10
CA THR B 26 -2.04 9.02 1.53
C THR B 26 -1.58 10.27 2.25
N LEU B 27 -2.27 10.62 3.33
CA LEU B 27 -1.96 11.78 4.15
C LEU B 27 -2.09 11.43 5.62
N ASN B 28 -1.02 11.67 6.39
CA ASN B 28 -1.07 11.53 7.86
C ASN B 28 -1.64 10.17 8.26
N GLY B 29 -1.26 9.13 7.51
CA GLY B 29 -1.67 7.76 7.83
C GLY B 29 -2.99 7.31 7.20
N PHE B 30 -3.72 8.22 6.55
CA PHE B 30 -5.00 7.92 5.91
C PHE B 30 -4.82 7.75 4.41
N THR B 31 -5.27 6.62 3.87
CA THR B 31 -5.22 6.41 2.43
C THR B 31 -6.60 6.59 1.83
N PHE B 32 -6.70 7.55 0.90
CA PHE B 32 -7.95 7.82 0.21
C PHE B 32 -7.95 6.92 -1.02
N ILE B 33 -8.90 6.00 -1.05
CA ILE B 33 -9.01 4.99 -2.08
C ILE B 33 -10.02 5.46 -3.11
N THR B 34 -9.56 5.66 -4.34
CA THR B 34 -10.47 6.18 -5.35
C THR B 34 -11.33 5.07 -5.92
N GLY B 35 -10.76 3.89 -6.15
CA GLY B 35 -11.51 2.83 -6.79
C GLY B 35 -12.13 3.26 -8.11
N GLY B 36 -11.45 4.13 -8.84
CA GLY B 36 -11.94 4.60 -10.13
C GLY B 36 -12.81 5.83 -10.09
N SER B 37 -13.09 6.37 -8.91
CA SER B 37 -13.81 7.64 -8.80
C SER B 37 -12.82 8.76 -8.50
N ILE B 38 -13.35 9.95 -8.20
CA ILE B 38 -12.52 11.09 -7.84
C ILE B 38 -12.78 11.48 -6.39
N TRP B 39 -11.70 11.74 -5.66
CA TRP B 39 -11.73 12.42 -4.37
C TRP B 39 -11.45 13.90 -4.63
N GLU B 40 -12.33 14.79 -4.17
CA GLU B 40 -12.18 16.23 -4.42
C GLU B 40 -12.01 16.99 -3.11
N VAL B 41 -11.00 17.86 -3.06
CA VAL B 41 -10.86 18.82 -1.97
C VAL B 41 -11.36 20.17 -2.49
N ASP B 42 -12.26 20.84 -1.74
CA ASP B 42 -12.68 22.20 -2.12
C ASP B 42 -12.92 23.04 -0.87
N SER B 43 -13.20 24.34 -1.08
CA SER B 43 -13.43 25.25 0.03
C SER B 43 -14.80 25.04 0.64
N SER B 44 -14.86 25.00 1.96
CA SER B 44 -16.12 24.85 2.68
C SER B 44 -15.89 25.30 4.11
N SER B 45 -16.64 26.32 4.56
CA SER B 45 -16.42 26.95 5.86
C SER B 45 -17.47 26.43 6.86
N ARG B 46 -17.03 25.54 7.76
CA ARG B 46 -17.89 24.98 8.81
C ARG B 46 -17.12 24.93 10.12
N SER B 47 -17.84 25.05 11.23
CA SER B 47 -17.24 25.04 12.56
C SER B 47 -17.77 23.85 13.36
N TYR B 48 -16.97 23.39 14.31
CA TYR B 48 -17.48 22.43 15.30
C TYR B 48 -16.62 22.50 16.55
N GLY B 49 -17.27 22.55 17.71
CA GLY B 49 -16.55 22.44 18.97
C GLY B 49 -15.52 23.54 19.17
N GLY B 50 -15.75 24.71 18.59
CA GLY B 50 -14.83 25.81 18.73
C GLY B 50 -13.69 25.85 17.73
N VAL B 51 -13.59 24.88 16.81
CA VAL B 51 -12.61 24.90 15.73
C VAL B 51 -13.31 25.30 14.44
N ASN B 52 -12.70 26.19 13.68
CA ASN B 52 -13.22 26.63 12.39
C ASN B 52 -12.48 25.93 11.27
N PHE B 53 -13.21 25.30 10.36
CA PHE B 53 -12.60 24.61 9.24
C PHE B 53 -12.92 25.37 7.95
N THR B 54 -12.03 25.26 6.96
CA THR B 54 -12.19 25.99 5.70
C THR B 54 -12.16 25.11 4.46
N GLN B 55 -11.74 23.86 4.54
CA GLN B 55 -11.76 22.96 3.41
C GLN B 55 -12.39 21.63 3.82
N ARG B 56 -12.98 20.94 2.85
CA ARG B 56 -13.49 19.59 3.02
C ARG B 56 -12.89 18.70 1.94
N VAL B 57 -12.90 17.39 2.20
CA VAL B 57 -12.64 16.40 1.16
C VAL B 57 -13.90 15.58 1.02
N LYS B 58 -14.42 15.48 -0.20
CA LYS B 58 -15.74 14.90 -0.39
C LYS B 58 -15.67 13.71 -1.31
N SER B 59 -16.46 12.68 -0.97
CA SER B 59 -16.38 11.41 -1.69
C SER B 59 -16.90 11.52 -3.13
N GLY B 60 -17.77 12.47 -3.42
CA GLY B 60 -18.36 12.54 -4.73
C GLY B 60 -19.54 11.62 -4.96
N GLY B 61 -19.93 10.83 -3.97
CA GLY B 61 -21.05 9.92 -4.12
C GLY B 61 -20.91 8.78 -3.13
N LYS B 62 -21.78 7.79 -3.30
CA LYS B 62 -21.72 6.60 -2.44
C LYS B 62 -20.55 5.71 -2.85
N GLY B 63 -20.07 4.92 -1.90
CA GLY B 63 -18.94 4.06 -2.14
C GLY B 63 -19.04 2.73 -1.40
N THR B 64 -17.90 2.04 -1.28
CA THR B 64 -17.74 0.73 -0.65
C THR B 64 -16.40 0.77 0.04
N ILE B 65 -16.00 -0.35 0.65
CA ILE B 65 -14.69 -0.36 1.28
C ILE B 65 -13.56 -0.21 0.28
N SER B 66 -13.85 -0.34 -1.02
CA SER B 66 -12.83 -0.26 -2.06
C SER B 66 -13.07 0.88 -3.05
N LYS B 67 -13.95 1.83 -2.73
CA LYS B 67 -14.28 2.90 -3.66
C LYS B 67 -14.80 4.08 -2.87
N ARG B 68 -14.18 5.25 -3.05
CA ARG B 68 -14.44 6.44 -2.25
C ARG B 68 -14.31 6.13 -0.76
N ALA B 69 -13.21 5.45 -0.40
CA ALA B 69 -13.00 4.94 0.93
C ALA B 69 -11.74 5.56 1.52
N ILE B 70 -11.64 5.54 2.85
CA ILE B 70 -10.48 6.04 3.57
C ILE B 70 -9.99 4.92 4.49
N SER B 71 -8.77 4.44 4.26
CA SER B 71 -8.24 3.38 5.13
C SER B 71 -7.11 3.90 6.01
N PHE B 72 -6.90 3.20 7.14
CA PHE B 72 -5.81 3.54 8.04
C PHE B 72 -5.46 2.28 8.83
N THR B 73 -4.27 2.27 9.42
CA THR B 73 -3.83 1.18 10.28
C THR B 73 -3.81 1.66 11.73
N ALA B 74 -4.46 0.89 12.61
CA ALA B 74 -4.45 1.20 14.03
C ALA B 74 -3.39 0.37 14.73
N SER B 75 -2.74 0.98 15.73
CA SER B 75 -1.72 0.35 16.57
C SER B 75 -2.27 -0.47 17.72
N GLY B 76 -3.54 -0.29 18.05
CA GLY B 76 -4.15 -0.96 19.20
C GLY B 76 -5.56 -0.45 19.36
N ALA B 77 -6.23 -0.99 20.38
CA ALA B 77 -7.57 -0.52 20.72
C ALA B 77 -7.56 0.99 20.96
N GLY B 78 -8.64 1.64 20.53
CA GLY B 78 -8.76 3.06 20.75
C GLY B 78 -10.04 3.61 20.17
N GLN B 79 -9.97 4.76 19.48
CA GLN B 79 -11.19 5.39 19.00
C GLN B 79 -10.87 6.23 17.77
N LEU B 80 -11.80 6.23 16.82
CA LEU B 80 -11.72 7.07 15.61
C LEU B 80 -12.76 8.18 15.73
N THR B 81 -12.34 9.41 15.44
CA THR B 81 -13.22 10.57 15.42
C THR B 81 -13.27 11.06 13.97
N VAL B 82 -14.49 11.26 13.46
CA VAL B 82 -14.75 11.75 12.10
C VAL B 82 -15.68 12.94 12.22
N TYR B 83 -15.34 14.05 11.55
CA TYR B 83 -16.23 15.19 11.40
C TYR B 83 -16.79 15.17 9.99
N ALA B 84 -18.09 14.92 9.85
CA ALA B 84 -18.70 14.70 8.53
C ALA B 84 -20.02 15.45 8.42
N MET B 85 -20.34 15.80 7.19
CA MET B 85 -21.55 16.49 6.77
C MET B 85 -22.10 15.80 5.52
N SER B 86 -23.41 15.67 5.41
CA SER B 86 -23.97 15.26 4.13
C SER B 86 -23.56 16.27 3.07
N SER B 87 -23.18 15.77 1.89
CA SER B 87 -22.88 16.69 0.80
C SER B 87 -24.14 17.26 0.16
N GLY B 88 -25.32 16.75 0.48
CA GLY B 88 -26.58 17.25 -0.02
C GLY B 88 -27.57 17.51 1.11
N SER B 89 -28.86 17.37 0.78
CA SER B 89 -29.95 17.61 1.73
C SER B 89 -30.38 16.36 2.51
N THR B 90 -30.19 15.17 1.94
CA THR B 90 -30.58 13.94 2.62
C THR B 90 -29.55 13.53 3.66
N SER B 91 -30.03 12.90 4.73
CA SER B 91 -29.12 12.34 5.72
C SER B 91 -28.50 11.07 5.16
N ARG B 92 -27.24 10.80 5.53
CA ARG B 92 -26.46 9.76 4.88
C ARG B 92 -25.45 9.21 5.87
N ASN B 93 -25.19 7.91 5.81
CA ASN B 93 -24.37 7.29 6.84
C ASN B 93 -22.89 7.29 6.47
N VAL B 94 -22.06 7.24 7.50
CA VAL B 94 -20.64 6.97 7.44
C VAL B 94 -20.40 5.66 8.18
N THR B 95 -19.73 4.71 7.53
CA THR B 95 -19.58 3.37 8.11
C THR B 95 -18.11 3.05 8.33
N LEU B 96 -17.80 2.46 9.48
CA LEU B 96 -16.46 1.94 9.71
C LEU B 96 -16.48 0.43 9.55
N TYR B 97 -15.58 -0.08 8.69
CA TYR B 97 -15.35 -1.50 8.45
C TYR B 97 -14.00 -1.93 9.04
N GLY B 98 -13.96 -3.12 9.62
CA GLY B 98 -12.72 -3.66 10.15
C GLY B 98 -12.99 -5.07 10.67
N ASN B 99 -11.91 -5.80 10.96
CA ASN B 99 -12.07 -7.22 11.31
C ASN B 99 -12.99 -7.92 10.32
N GLY B 100 -12.83 -7.56 9.04
CA GLY B 100 -13.61 -8.26 8.04
C GLY B 100 -15.08 -7.92 7.94
N LYS B 101 -15.58 -6.85 8.55
CA LYS B 101 -17.01 -6.62 8.52
C LYS B 101 -17.35 -5.17 8.86
N ASP B 102 -18.57 -4.77 8.49
CA ASP B 102 -19.07 -3.47 8.90
C ASP B 102 -19.22 -3.46 10.41
N LEU B 103 -18.62 -2.48 11.07
CA LEU B 103 -18.62 -2.46 12.54
C LEU B 103 -19.67 -1.51 13.11
N GLU B 104 -19.77 -0.31 12.55
CA GLU B 104 -20.51 0.76 13.20
C GLU B 104 -20.79 1.86 12.17
N SER B 105 -21.98 2.45 12.19
CA SER B 105 -22.33 3.58 11.34
C SER B 105 -22.95 4.71 12.15
N PHE B 106 -22.76 5.94 11.68
CA PHE B 106 -23.45 7.11 12.18
C PHE B 106 -23.94 7.95 11.01
N THR B 107 -24.97 8.73 11.27
CA THR B 107 -25.68 9.49 10.25
C THR B 107 -25.15 10.90 10.19
N ALA B 108 -24.73 11.32 9.00
CA ALA B 108 -24.41 12.71 8.73
C ALA B 108 -25.63 13.39 8.13
N VAL B 109 -25.78 14.70 8.40
CA VAL B 109 -26.96 15.43 7.99
C VAL B 109 -26.54 16.67 7.22
N GLN B 110 -27.54 17.37 6.68
CA GLN B 110 -27.27 18.49 5.79
C GLN B 110 -26.71 19.68 6.60
N ASP B 111 -25.78 20.42 5.97
CA ASP B 111 -25.40 21.78 6.39
C ASP B 111 -24.45 21.89 7.57
N VAL B 112 -24.41 20.89 8.46
CA VAL B 112 -23.64 20.98 9.70
C VAL B 112 -22.68 19.81 9.81
N ILE B 113 -21.59 20.04 10.52
CA ILE B 113 -20.69 18.97 10.89
C ILE B 113 -21.36 18.18 12.01
N THR B 114 -21.32 16.86 11.91
CA THR B 114 -21.65 15.99 13.04
C THR B 114 -20.37 15.27 13.46
N ALA B 115 -20.10 15.25 14.76
CA ALA B 115 -18.95 14.52 15.29
C ALA B 115 -19.33 13.05 15.45
N MET B 116 -18.50 12.17 14.91
CA MET B 116 -18.71 10.72 15.00
C MET B 116 -17.54 10.10 15.72
N ASN B 117 -17.83 9.30 16.75
CA ASN B 117 -16.81 8.59 17.51
C ASN B 117 -17.03 7.10 17.39
N PHE B 118 -16.06 6.40 16.79
CA PHE B 118 -16.14 4.99 16.47
C PHE B 118 -15.15 4.21 17.35
N THR B 119 -15.59 3.08 17.88
CA THR B 119 -14.67 2.21 18.62
C THR B 119 -13.66 1.58 17.65
N ILE B 120 -12.38 1.67 17.97
CA ILE B 120 -11.38 0.82 17.34
C ILE B 120 -11.09 -0.31 18.33
N PRO B 121 -11.57 -1.54 18.07
CA PRO B 121 -11.41 -2.61 19.08
C PRO B 121 -10.03 -3.26 19.13
N ASN B 122 -9.18 -3.10 18.11
CA ASN B 122 -7.89 -3.78 18.10
C ASN B 122 -7.02 -3.20 17.01
N SER B 123 -5.72 -3.51 17.07
CA SER B 123 -4.81 -3.13 15.99
C SER B 123 -5.23 -3.83 14.70
N GLY B 124 -4.96 -3.16 13.58
CA GLY B 124 -5.26 -3.71 12.27
C GLY B 124 -5.66 -2.58 11.34
N THR B 125 -6.12 -2.94 10.15
CA THR B 125 -6.52 -1.93 9.17
C THR B 125 -8.04 -1.79 9.10
N TYR B 126 -8.50 -0.54 9.05
CA TYR B 126 -9.91 -0.16 9.05
C TYR B 126 -10.19 0.75 7.84
N VAL B 127 -11.46 0.76 7.41
CA VAL B 127 -11.91 1.52 6.24
C VAL B 127 -13.16 2.31 6.59
N ILE B 128 -13.15 3.60 6.26
CA ILE B 128 -14.30 4.50 6.42
C ILE B 128 -14.93 4.67 5.04
N TYR B 129 -16.21 4.37 4.90
CA TYR B 129 -16.80 4.51 3.58
C TYR B 129 -18.21 5.04 3.68
N PRO B 130 -18.76 5.55 2.56
CA PRO B 130 -20.08 6.17 2.58
C PRO B 130 -21.07 5.30 1.83
N PRO B 131 -21.89 4.51 2.54
CA PRO B 131 -22.78 3.56 1.86
C PRO B 131 -23.95 4.18 1.12
N ASP B 132 -24.35 5.41 1.45
CA ASP B 132 -25.60 5.95 0.93
C ASP B 132 -25.41 6.93 -0.21
N ASP B 133 -24.56 7.93 -0.03
CA ASP B 133 -24.39 9.02 -1.00
C ASP B 133 -23.22 9.85 -0.51
N GLY B 134 -22.93 10.94 -1.21
CA GLY B 134 -21.68 11.65 -0.97
C GLY B 134 -21.60 12.26 0.43
N ILE B 135 -20.41 12.15 1.02
CA ILE B 135 -20.10 12.69 2.34
C ILE B 135 -18.98 13.71 2.20
N SER B 136 -19.09 14.80 2.98
CA SER B 136 -18.03 15.80 3.13
C SER B 136 -17.31 15.61 4.46
N TYR B 137 -16.00 15.42 4.39
CA TYR B 137 -15.20 15.20 5.60
C TYR B 137 -14.32 16.42 5.87
N TYR B 138 -14.22 16.80 7.15
CA TYR B 138 -13.45 17.95 7.58
C TYR B 138 -12.28 17.62 8.49
N TYR B 139 -12.29 16.48 9.17
CA TYR B 139 -11.34 16.23 10.25
C TYR B 139 -11.45 14.76 10.64
N LEU B 140 -10.29 14.11 10.79
CA LEU B 140 -10.21 12.71 11.17
C LEU B 140 -9.16 12.60 12.26
N LYS B 141 -9.40 11.71 13.24
CA LYS B 141 -8.38 11.51 14.25
C LYS B 141 -8.48 10.07 14.74
N VAL B 142 -7.34 9.40 14.82
CA VAL B 142 -7.23 8.05 15.38
C VAL B 142 -6.37 8.16 16.63
N VAL B 143 -6.89 7.67 17.76
CA VAL B 143 -6.12 7.62 19.00
C VAL B 143 -6.08 6.16 19.47
N LYS B 144 -5.05 5.85 20.25
CA LYS B 144 -4.87 4.53 20.87
C LYS B 144 -4.98 4.70 22.38
N THR B 145 -5.73 3.80 23.02
CA THR B 145 -5.92 3.87 24.47
C THR B 145 -4.61 3.55 25.19
N ASP B 146 -4.23 4.37 26.16
CA ASP B 146 -2.96 4.20 26.86
C ASP B 146 -2.94 2.91 27.70
N ALA C 3 -8.43 -31.16 8.48
CA ALA C 3 -9.62 -30.34 8.27
C ALA C 3 -9.36 -28.90 8.72
N THR C 4 -8.56 -28.17 7.94
CA THR C 4 -8.18 -26.81 8.28
C THR C 4 -8.05 -25.97 7.02
N THR C 5 -8.21 -24.66 7.18
CA THR C 5 -8.12 -23.70 6.08
C THR C 5 -7.03 -22.69 6.40
N THR C 6 -6.05 -22.55 5.52
CA THR C 6 -5.05 -21.51 5.67
C THR C 6 -5.67 -20.16 5.35
N THR C 7 -5.63 -19.23 6.29
CA THR C 7 -6.23 -17.91 6.12
C THR C 7 -5.22 -16.78 6.08
N HIS C 8 -4.01 -16.97 6.60
CA HIS C 8 -2.97 -15.94 6.50
C HIS C 8 -1.66 -16.62 6.16
N GLU C 9 -0.85 -15.97 5.34
CA GLU C 9 0.51 -16.44 5.10
C GLU C 9 1.42 -15.29 4.73
N LEU C 10 2.66 -15.34 5.24
CA LEU C 10 3.64 -14.31 4.95
C LEU C 10 5.01 -14.98 4.94
N ASN C 11 5.51 -15.31 3.76
CA ASN C 11 6.91 -15.64 3.56
C ASN C 11 7.67 -14.35 3.28
N VAL C 12 8.54 -13.94 4.21
CA VAL C 12 9.25 -12.66 4.08
C VAL C 12 10.07 -12.61 2.78
N SER C 13 10.54 -13.76 2.29
CA SER C 13 11.33 -13.79 1.06
C SER C 13 10.50 -13.42 -0.17
N ASN C 14 9.19 -13.69 -0.14
CA ASN C 14 8.32 -13.46 -1.29
C ASN C 14 7.41 -12.25 -1.14
N SER C 15 7.19 -11.76 0.08
CA SER C 15 6.19 -10.74 0.27
C SER C 15 6.72 -9.41 0.81
N MET C 16 8.00 -9.32 1.17
CA MET C 16 8.57 -8.06 1.63
C MET C 16 9.81 -7.74 0.83
N THR C 17 10.24 -6.47 0.89
CA THR C 17 11.47 -6.09 0.23
C THR C 17 12.39 -5.39 1.22
N VAL C 18 13.68 -5.46 0.93
CA VAL C 18 14.70 -4.90 1.81
C VAL C 18 14.39 -3.44 2.08
N GLY C 19 14.46 -3.04 3.35
CA GLY C 19 14.09 -1.68 3.67
C GLY C 19 13.91 -1.49 5.17
N GLN C 20 13.60 -0.25 5.52
CA GLN C 20 13.37 0.17 6.88
C GLN C 20 12.06 0.94 6.95
N TYR C 21 11.22 0.58 7.92
CA TYR C 21 9.84 1.05 7.99
C TYR C 21 9.59 1.58 9.39
N SER C 22 9.13 2.83 9.50
CA SER C 22 8.97 3.51 10.78
C SER C 22 7.51 3.76 11.16
N SER C 23 6.55 3.36 10.35
CA SER C 23 5.16 3.55 10.72
C SER C 23 4.42 2.24 10.51
N ASP C 24 3.33 2.09 11.25
CA ASP C 24 2.60 0.84 11.26
C ASP C 24 1.99 0.56 9.89
N PHE C 25 2.02 -0.71 9.47
CA PHE C 25 1.45 -1.09 8.20
C PHE C 25 0.94 -2.53 8.29
N THR C 26 0.03 -2.86 7.38
CA THR C 26 -0.58 -4.18 7.33
C THR C 26 -0.19 -4.84 6.01
N LEU C 27 0.24 -6.09 6.09
CA LEU C 27 0.74 -6.83 4.94
C LEU C 27 0.31 -8.28 5.10
N ASN C 28 -0.40 -8.80 4.10
CA ASN C 28 -0.90 -10.17 4.14
C ASN C 28 -1.75 -10.43 5.40
N GLY C 29 -2.44 -9.40 5.90
CA GLY C 29 -3.27 -9.56 7.08
C GLY C 29 -2.55 -9.41 8.40
N PHE C 30 -1.22 -9.26 8.39
CA PHE C 30 -0.41 -9.05 9.58
C PHE C 30 -0.08 -7.57 9.73
N THR C 31 -0.30 -7.02 10.93
CA THR C 31 -0.04 -5.60 11.18
C THR C 31 1.26 -5.45 11.96
N PHE C 32 2.23 -4.79 11.34
CA PHE C 32 3.52 -4.52 11.93
C PHE C 32 3.41 -3.23 12.73
N ILE C 33 3.64 -3.33 14.03
CA ILE C 33 3.40 -2.26 14.99
C ILE C 33 4.77 -1.75 15.43
N THR C 34 5.10 -0.50 15.09
CA THR C 34 6.45 -0.02 15.36
C THR C 34 6.63 0.45 16.80
N GLY C 35 5.63 1.13 17.36
CA GLY C 35 5.79 1.67 18.70
C GLY C 35 6.95 2.65 18.80
N GLY C 36 7.24 3.39 17.73
CA GLY C 36 8.35 4.32 17.75
C GLY C 36 9.69 3.75 17.35
N SER C 37 9.75 2.47 17.01
CA SER C 37 10.98 1.85 16.56
C SER C 37 10.86 1.49 15.08
N ILE C 38 11.94 0.94 14.53
CA ILE C 38 12.05 0.57 13.12
C ILE C 38 11.77 -0.92 12.98
N TRP C 39 10.92 -1.29 12.01
CA TRP C 39 10.90 -2.65 11.44
C TRP C 39 11.82 -2.70 10.21
N GLU C 40 12.70 -3.70 10.15
CA GLU C 40 13.70 -3.78 9.10
C GLU C 40 13.66 -5.12 8.39
N VAL C 41 13.67 -5.08 7.06
CA VAL C 41 13.82 -6.26 6.22
C VAL C 41 15.23 -6.26 5.64
N ASP C 42 15.94 -7.38 5.74
CA ASP C 42 17.23 -7.47 5.10
C ASP C 42 17.45 -8.88 4.62
N SER C 43 18.51 -9.08 3.85
CA SER C 43 18.83 -10.40 3.34
C SER C 43 19.38 -11.28 4.45
N SER C 44 18.90 -12.52 4.49
CA SER C 44 19.37 -13.50 5.46
C SER C 44 18.95 -14.86 4.95
N SER C 45 19.91 -15.73 4.69
CA SER C 45 19.66 -17.04 4.12
C SER C 45 19.66 -18.09 5.22
N ARG C 46 18.50 -18.72 5.42
CA ARG C 46 18.32 -19.81 6.37
C ARG C 46 17.29 -20.77 5.80
N SER C 47 17.42 -22.05 6.14
CA SER C 47 16.51 -23.07 5.63
C SER C 47 15.78 -23.74 6.78
N TYR C 48 14.58 -24.23 6.50
CA TYR C 48 13.85 -25.05 7.47
C TYR C 48 12.83 -25.90 6.74
N GLY C 49 12.76 -27.18 7.11
CA GLY C 49 11.75 -28.07 6.56
C GLY C 49 11.79 -28.23 5.06
N GLY C 50 12.98 -28.23 4.46
CA GLY C 50 13.12 -28.28 3.03
C GLY C 50 12.85 -26.99 2.29
N VAL C 51 12.62 -25.88 3.00
CA VAL C 51 12.33 -24.59 2.37
C VAL C 51 13.51 -23.65 2.59
N ASN C 52 13.97 -23.00 1.53
CA ASN C 52 15.07 -22.05 1.62
C ASN C 52 14.50 -20.63 1.68
N PHE C 53 14.88 -19.88 2.72
CA PHE C 53 14.46 -18.51 2.91
C PHE C 53 15.67 -17.60 2.68
N THR C 54 15.40 -16.40 2.15
CA THR C 54 16.46 -15.46 1.79
C THR C 54 16.31 -14.08 2.42
N GLN C 55 15.17 -13.75 3.01
CA GLN C 55 14.99 -12.47 3.69
C GLN C 55 14.39 -12.72 5.05
N ARG C 56 14.70 -11.83 5.98
CA ARG C 56 14.06 -11.84 7.28
C ARG C 56 13.49 -10.45 7.52
N VAL C 57 12.48 -10.39 8.39
CA VAL C 57 12.07 -9.12 8.99
C VAL C 57 12.43 -9.21 10.47
N LYS C 58 13.21 -8.25 10.95
CA LYS C 58 13.80 -8.37 12.28
C LYS C 58 13.32 -7.22 13.14
N SER C 59 13.14 -7.50 14.43
CA SER C 59 12.47 -6.55 15.30
C SER C 59 13.38 -5.39 15.71
N GLY C 60 14.69 -5.54 15.58
CA GLY C 60 15.57 -4.48 16.04
C GLY C 60 15.86 -4.47 17.52
N GLY C 61 15.24 -5.34 18.31
CA GLY C 61 15.46 -5.33 19.74
C GLY C 61 14.26 -5.91 20.47
N LYS C 62 14.24 -5.72 21.78
CA LYS C 62 13.11 -6.21 22.54
C LYS C 62 11.92 -5.26 22.35
N GLY C 63 10.73 -5.81 22.56
CA GLY C 63 9.53 -5.02 22.44
C GLY C 63 8.42 -5.43 23.38
N THR C 64 7.21 -4.99 23.06
CA THR C 64 6.01 -5.22 23.85
C THR C 64 4.90 -5.49 22.85
N ILE C 65 3.66 -5.67 23.35
CA ILE C 65 2.55 -5.81 22.42
C ILE C 65 2.25 -4.53 21.65
N SER C 66 2.89 -3.40 21.98
CA SER C 66 2.66 -2.18 21.19
C SER C 66 3.96 -1.62 20.60
N LYS C 67 5.01 -2.43 20.53
CA LYS C 67 6.32 -1.99 20.06
C LYS C 67 7.07 -3.19 19.50
N ARG C 68 7.48 -3.08 18.24
CA ARG C 68 8.16 -4.17 17.54
C ARG C 68 7.31 -5.45 17.58
N ALA C 69 6.01 -5.29 17.36
CA ALA C 69 5.03 -6.37 17.47
C ALA C 69 4.37 -6.61 16.12
N ILE C 70 3.84 -7.83 15.95
CA ILE C 70 3.10 -8.23 14.75
C ILE C 70 1.76 -8.80 15.18
N SER C 71 0.67 -8.16 14.75
CA SER C 71 -0.64 -8.62 15.13
C SER C 71 -1.41 -9.17 13.93
N PHE C 72 -2.48 -9.91 14.24
CA PHE C 72 -3.34 -10.47 13.21
C PHE C 72 -4.66 -10.80 13.87
N THR C 73 -5.71 -10.87 13.06
CA THR C 73 -7.02 -11.19 13.58
C THR C 73 -7.47 -12.53 13.01
N ALA C 74 -7.86 -13.44 13.90
CA ALA C 74 -8.30 -14.79 13.56
C ALA C 74 -9.82 -14.84 13.65
N SER C 75 -10.46 -15.59 12.75
CA SER C 75 -11.91 -15.72 12.81
C SER C 75 -12.36 -16.96 13.56
N GLY C 76 -11.42 -17.75 14.08
CA GLY C 76 -11.78 -18.92 14.87
C GLY C 76 -10.53 -19.57 15.41
N ALA C 77 -10.74 -20.60 16.24
CA ALA C 77 -9.65 -21.42 16.74
C ALA C 77 -8.81 -21.97 15.58
N GLY C 78 -7.51 -22.11 15.85
CA GLY C 78 -6.59 -22.71 14.88
C GLY C 78 -5.16 -22.71 15.37
N GLN C 79 -4.20 -22.58 14.45
CA GLN C 79 -2.79 -22.59 14.81
C GLN C 79 -2.05 -21.52 14.04
N LEU C 80 -1.12 -20.86 14.72
CA LEU C 80 -0.19 -19.91 14.13
C LEU C 80 1.18 -20.58 14.05
N THR C 81 1.79 -20.53 12.88
CA THR C 81 3.15 -21.02 12.70
C THR C 81 4.08 -19.81 12.62
N VAL C 82 5.14 -19.79 13.43
CA VAL C 82 6.16 -18.74 13.32
C VAL C 82 7.52 -19.41 13.11
N TYR C 83 8.22 -19.03 12.04
CA TYR C 83 9.62 -19.40 11.83
C TYR C 83 10.48 -18.23 12.27
N ALA C 84 11.23 -18.42 13.36
CA ALA C 84 11.97 -17.34 13.98
C ALA C 84 13.34 -17.84 14.43
N MET C 85 14.30 -16.91 14.48
CA MET C 85 15.66 -17.13 14.91
C MET C 85 16.03 -16.00 15.85
N SER C 86 16.86 -16.27 16.86
CA SER C 86 17.44 -15.17 17.62
C SER C 86 18.35 -14.34 16.72
N SER C 87 18.28 -13.02 16.87
CA SER C 87 19.14 -12.16 16.07
C SER C 87 20.55 -12.09 16.62
N GLY C 88 20.80 -12.68 17.80
CA GLY C 88 22.10 -12.62 18.43
C GLY C 88 22.58 -13.99 18.87
N SER C 89 23.47 -14.06 19.85
CA SER C 89 23.99 -15.33 20.32
C SER C 89 23.16 -15.96 21.43
N THR C 90 22.32 -15.19 22.09
CA THR C 90 21.55 -15.67 23.24
C THR C 90 20.18 -16.21 22.79
N SER C 91 19.69 -17.20 23.52
CA SER C 91 18.32 -17.66 23.32
C SER C 91 17.34 -16.60 23.80
N ARG C 92 16.19 -16.53 23.12
CA ARG C 92 15.23 -15.44 23.31
C ARG C 92 13.82 -15.89 22.97
N ASN C 93 12.85 -15.43 23.77
CA ASN C 93 11.46 -15.83 23.60
C ASN C 93 10.76 -15.07 22.47
N VAL C 94 9.88 -15.78 21.78
CA VAL C 94 8.79 -15.19 21.00
C VAL C 94 7.52 -15.48 21.77
N THR C 95 6.72 -14.45 22.06
CA THR C 95 5.53 -14.58 22.89
C THR C 95 4.26 -14.25 22.11
N LEU C 96 3.23 -15.05 22.30
CA LEU C 96 1.90 -14.78 21.75
C LEU C 96 1.01 -14.20 22.84
N TYR C 97 0.47 -13.01 22.59
CA TYR C 97 -0.50 -12.36 23.47
C TYR C 97 -1.89 -12.43 22.82
N GLY C 98 -2.90 -12.74 23.64
CA GLY C 98 -4.29 -12.72 23.20
C GLY C 98 -5.17 -13.03 24.39
N ASN C 99 -6.48 -12.80 24.21
CA ASN C 99 -7.43 -12.92 25.31
C ASN C 99 -6.93 -12.17 26.54
N GLY C 100 -6.32 -11.00 26.32
CA GLY C 100 -5.88 -10.17 27.42
C GLY C 100 -4.66 -10.61 28.20
N LYS C 101 -3.85 -11.52 27.67
CA LYS C 101 -2.73 -12.01 28.47
C LYS C 101 -1.69 -12.63 27.57
N ASP C 102 -0.46 -12.75 28.08
CA ASP C 102 0.51 -13.63 27.42
C ASP C 102 -0.01 -15.07 27.50
N LEU C 103 -0.15 -15.73 26.36
CA LEU C 103 -0.72 -17.07 26.27
C LEU C 103 0.33 -18.18 26.24
N GLU C 104 1.46 -17.94 25.58
CA GLU C 104 2.38 -18.99 25.20
C GLU C 104 3.68 -18.34 24.71
N SER C 105 4.81 -18.95 25.04
CA SER C 105 6.09 -18.48 24.53
C SER C 105 6.87 -19.64 23.94
N PHE C 106 7.71 -19.34 22.95
CA PHE C 106 8.53 -20.33 22.29
C PHE C 106 9.96 -19.78 22.23
N THR C 107 10.94 -20.64 22.46
CA THR C 107 12.34 -20.23 22.53
C THR C 107 12.94 -20.18 21.12
N ALA C 108 13.44 -19.02 20.72
CA ALA C 108 14.23 -18.88 19.49
C ALA C 108 15.71 -19.02 19.85
N VAL C 109 16.46 -19.80 19.07
CA VAL C 109 17.87 -20.03 19.34
C VAL C 109 18.71 -19.29 18.29
N GLN C 110 20.01 -19.19 18.54
CA GLN C 110 20.89 -18.53 17.60
C GLN C 110 21.08 -19.40 16.36
N ASP C 111 21.43 -18.74 15.26
CA ASP C 111 21.97 -19.34 14.04
C ASP C 111 20.97 -20.05 13.15
N VAL C 112 19.90 -20.62 13.71
CA VAL C 112 18.99 -21.45 12.92
C VAL C 112 17.54 -21.11 13.23
N ILE C 113 16.67 -21.48 12.29
CA ILE C 113 15.23 -21.30 12.46
C ILE C 113 14.69 -22.33 13.45
N THR C 114 13.78 -21.88 14.32
CA THR C 114 12.93 -22.75 15.12
C THR C 114 11.51 -22.62 14.61
N ALA C 115 10.84 -23.74 14.35
CA ALA C 115 9.43 -23.71 13.97
C ALA C 115 8.60 -23.61 15.23
N MET C 116 7.80 -22.57 15.34
CA MET C 116 7.02 -22.33 16.54
C MET C 116 5.54 -22.52 16.22
N ASN C 117 4.92 -23.50 16.86
CA ASN C 117 3.50 -23.73 16.70
C ASN C 117 2.77 -23.13 17.89
N PHE C 118 2.04 -22.05 17.67
CA PHE C 118 1.24 -21.42 18.69
C PHE C 118 -0.22 -21.79 18.54
N THR C 119 -0.89 -22.07 19.66
CA THR C 119 -2.32 -22.33 19.64
C THR C 119 -3.13 -21.04 19.56
N ILE C 120 -4.07 -20.98 18.63
CA ILE C 120 -5.05 -19.89 18.57
C ILE C 120 -6.35 -20.42 19.18
N PRO C 121 -6.73 -20.00 20.39
CA PRO C 121 -7.85 -20.67 21.06
C PRO C 121 -9.22 -20.21 20.60
N ASN C 122 -9.36 -19.02 19.99
CA ASN C 122 -10.69 -18.52 19.64
C ASN C 122 -10.50 -17.35 18.68
N SER C 123 -11.60 -16.89 18.12
CA SER C 123 -11.50 -15.69 17.27
C SER C 123 -11.06 -14.50 18.12
N GLY C 124 -10.37 -13.57 17.49
CA GLY C 124 -9.85 -12.43 18.21
C GLY C 124 -8.56 -11.97 17.55
N THR C 125 -7.98 -10.94 18.15
CA THR C 125 -6.72 -10.36 17.65
C THR C 125 -5.57 -10.80 18.56
N TYR C 126 -4.49 -11.24 17.97
CA TYR C 126 -3.34 -11.78 18.68
C TYR C 126 -2.09 -11.00 18.29
N VAL C 127 -1.12 -10.96 19.21
CA VAL C 127 0.10 -10.18 19.03
C VAL C 127 1.32 -11.06 19.28
N ILE C 128 2.26 -11.05 18.32
CA ILE C 128 3.55 -11.74 18.41
C ILE C 128 4.60 -10.69 18.78
N TYR C 129 5.31 -10.87 19.87
CA TYR C 129 6.26 -9.84 20.25
C TYR C 129 7.49 -10.46 20.89
N PRO C 130 8.58 -9.70 21.00
CA PRO C 130 9.85 -10.25 21.46
C PRO C 130 10.22 -9.66 22.81
N PRO C 131 9.84 -10.29 23.92
CA PRO C 131 10.06 -9.67 25.24
C PRO C 131 11.53 -9.59 25.66
N ASP C 132 12.43 -10.33 25.03
CA ASP C 132 13.78 -10.49 25.57
C ASP C 132 14.80 -9.64 24.81
N ASP C 133 14.89 -9.84 23.51
CA ASP C 133 15.80 -9.11 22.64
C ASP C 133 15.38 -9.36 21.21
N GLY C 134 16.26 -9.00 20.26
CA GLY C 134 15.88 -8.97 18.86
C GLY C 134 15.58 -10.36 18.30
N ILE C 135 14.53 -10.42 17.47
CA ILE C 135 14.11 -11.66 16.81
C ILE C 135 14.09 -11.44 15.30
N SER C 136 14.55 -12.44 14.56
CA SER C 136 14.49 -12.47 13.10
C SER C 136 13.37 -13.40 12.67
N TYR C 137 12.44 -12.89 11.87
CA TYR C 137 11.28 -13.67 11.42
C TYR C 137 11.40 -13.99 9.95
N TYR C 138 11.10 -15.25 9.59
CA TYR C 138 11.21 -15.68 8.20
C TYR C 138 9.87 -16.03 7.56
N TYR C 139 8.89 -16.49 8.34
CA TYR C 139 7.69 -17.10 7.79
C TYR C 139 6.61 -17.10 8.87
N LEU C 140 5.40 -16.72 8.50
CA LEU C 140 4.24 -16.70 9.36
C LEU C 140 3.10 -17.36 8.60
N LYS C 141 2.28 -18.10 9.32
CA LYS C 141 1.13 -18.74 8.72
C LYS C 141 0.06 -18.91 9.78
N VAL C 142 -1.19 -18.62 9.42
CA VAL C 142 -2.34 -18.86 10.28
C VAL C 142 -3.28 -19.84 9.60
N VAL C 143 -3.72 -20.85 10.34
CA VAL C 143 -4.57 -21.90 9.84
C VAL C 143 -5.78 -22.00 10.75
N LYS C 144 -6.97 -22.03 10.18
CA LYS C 144 -8.21 -22.06 10.97
C LYS C 144 -8.78 -23.48 10.98
N THR C 145 -9.12 -23.99 12.15
CA THR C 145 -9.75 -25.31 12.23
C THR C 145 -11.17 -25.23 11.66
N ASP C 146 -11.47 -26.09 10.69
CA ASP C 146 -12.74 -25.98 9.95
C ASP C 146 -13.99 -26.27 10.80
N ALA D 3 16.21 -6.82 -26.09
CA ALA D 3 16.38 -7.42 -24.77
C ALA D 3 15.39 -6.84 -23.77
N THR D 4 15.00 -7.66 -22.79
CA THR D 4 14.07 -7.26 -21.74
C THR D 4 14.63 -7.67 -20.39
N THR D 5 14.24 -6.92 -19.35
CA THR D 5 14.62 -7.21 -17.98
C THR D 5 13.37 -7.60 -17.19
N THR D 6 13.36 -8.83 -16.66
CA THR D 6 12.25 -9.32 -15.87
C THR D 6 12.19 -8.62 -14.53
N THR D 7 11.09 -7.93 -14.26
CA THR D 7 10.94 -7.23 -13.00
C THR D 7 10.09 -8.01 -11.99
N HIS D 8 8.99 -8.68 -12.38
CA HIS D 8 8.20 -9.48 -11.42
C HIS D 8 7.72 -10.76 -12.08
N GLU D 9 7.79 -11.88 -11.34
CA GLU D 9 7.33 -13.16 -11.83
C GLU D 9 6.68 -13.95 -10.70
N LEU D 10 5.53 -14.54 -10.98
CA LEU D 10 4.77 -15.29 -9.97
C LEU D 10 4.30 -16.59 -10.62
N ASN D 11 4.92 -17.71 -10.23
CA ASN D 11 4.38 -19.04 -10.57
C ASN D 11 3.57 -19.48 -9.36
N VAL D 12 2.24 -19.57 -9.53
CA VAL D 12 1.36 -19.87 -8.41
C VAL D 12 1.69 -21.24 -7.80
N SER D 13 2.20 -22.16 -8.60
CA SER D 13 2.53 -23.48 -8.07
C SER D 13 3.73 -23.43 -7.14
N ASN D 14 4.61 -22.43 -7.30
CA ASN D 14 5.85 -22.37 -6.54
C ASN D 14 5.81 -21.42 -5.34
N SER D 15 4.99 -20.36 -5.39
CA SER D 15 5.13 -19.29 -4.42
C SER D 15 3.85 -19.00 -3.66
N MET D 16 2.79 -19.77 -3.89
CA MET D 16 1.52 -19.58 -3.21
C MET D 16 1.16 -20.85 -2.46
N THR D 17 0.25 -20.70 -1.50
CA THR D 17 -0.12 -21.78 -0.61
C THR D 17 -1.63 -21.90 -0.61
N VAL D 18 -2.12 -23.13 -0.78
CA VAL D 18 -3.56 -23.41 -0.79
C VAL D 18 -4.21 -22.79 0.43
N GLY D 19 -5.25 -22.01 0.20
CA GLY D 19 -5.84 -21.24 1.27
C GLY D 19 -6.90 -20.30 0.74
N GLN D 20 -7.52 -19.60 1.68
CA GLN D 20 -8.62 -18.67 1.43
C GLN D 20 -8.24 -17.38 2.13
N TYR D 21 -7.96 -16.34 1.35
CA TYR D 21 -7.36 -15.11 1.88
C TYR D 21 -8.37 -14.00 1.76
N SER D 22 -8.78 -13.43 2.91
CA SER D 22 -9.79 -12.39 2.91
C SER D 22 -9.21 -11.00 3.18
N SER D 23 -7.89 -10.86 3.26
CA SER D 23 -7.22 -9.56 3.27
C SER D 23 -6.21 -9.51 2.14
N ASP D 24 -5.88 -8.29 1.71
CA ASP D 24 -4.91 -8.12 0.63
C ASP D 24 -3.63 -8.87 0.94
N PHE D 25 -3.01 -9.42 -0.08
CA PHE D 25 -1.70 -9.99 0.15
C PHE D 25 -0.81 -9.76 -1.06
N THR D 26 0.48 -9.71 -0.79
CA THR D 26 1.47 -9.31 -1.80
C THR D 26 2.47 -10.43 -1.97
N LEU D 27 2.76 -10.76 -3.23
CA LEU D 27 3.78 -11.75 -3.57
C LEU D 27 4.50 -11.32 -4.82
N ASN D 28 5.83 -11.30 -4.75
CA ASN D 28 6.69 -11.09 -5.92
C ASN D 28 6.26 -9.85 -6.71
N GLY D 29 5.88 -8.81 -5.99
CA GLY D 29 5.51 -7.54 -6.58
C GLY D 29 4.04 -7.39 -6.94
N PHE D 30 3.25 -8.46 -6.84
CA PHE D 30 1.84 -8.43 -7.18
C PHE D 30 1.00 -8.34 -5.91
N THR D 31 0.02 -7.44 -5.89
CA THR D 31 -0.87 -7.34 -4.73
C THR D 31 -2.26 -7.79 -5.11
N PHE D 32 -2.72 -8.84 -4.43
CA PHE D 32 -4.05 -9.41 -4.65
C PHE D 32 -5.02 -8.64 -3.77
N ILE D 33 -5.87 -7.85 -4.41
CA ILE D 33 -6.75 -6.91 -3.71
C ILE D 33 -8.09 -7.58 -3.49
N THR D 34 -8.47 -7.73 -2.21
CA THR D 34 -9.69 -8.47 -1.88
C THR D 34 -10.94 -7.63 -2.03
N GLY D 35 -10.90 -6.39 -1.54
CA GLY D 35 -12.08 -5.54 -1.66
C GLY D 35 -13.33 -6.14 -1.06
N GLY D 36 -13.17 -6.89 0.04
CA GLY D 36 -14.29 -7.50 0.72
C GLY D 36 -14.64 -8.89 0.26
N SER D 37 -14.01 -9.41 -0.79
CA SER D 37 -14.21 -10.79 -1.22
C SER D 37 -12.98 -11.62 -0.89
N ILE D 38 -13.01 -12.89 -1.30
CA ILE D 38 -11.96 -13.84 -0.97
C ILE D 38 -11.16 -14.18 -2.22
N TRP D 39 -9.84 -14.18 -2.09
CA TRP D 39 -8.93 -14.77 -3.07
C TRP D 39 -8.56 -16.17 -2.57
N GLU D 40 -8.71 -17.19 -3.43
CA GLU D 40 -8.51 -18.57 -3.02
C GLU D 40 -7.43 -19.24 -3.87
N VAL D 41 -6.49 -19.90 -3.20
CA VAL D 41 -5.50 -20.75 -3.87
C VAL D 41 -5.92 -22.20 -3.67
N ASP D 42 -6.01 -22.97 -4.75
CA ASP D 42 -6.31 -24.40 -4.61
C ASP D 42 -5.53 -25.16 -5.68
N SER D 43 -5.62 -26.49 -5.61
CA SER D 43 -4.89 -27.32 -6.55
C SER D 43 -5.59 -27.36 -7.89
N SER D 44 -4.81 -27.24 -8.96
CA SER D 44 -5.34 -27.32 -10.32
C SER D 44 -4.18 -27.68 -11.22
N SER D 45 -4.30 -28.78 -11.96
CA SER D 45 -3.24 -29.22 -12.85
C SER D 45 -3.56 -28.77 -14.27
N ARG D 46 -2.75 -27.84 -14.78
CA ARG D 46 -2.81 -27.44 -16.18
C ARG D 46 -1.41 -27.17 -16.68
N SER D 47 -1.23 -27.36 -17.99
CA SER D 47 0.05 -27.15 -18.64
C SER D 47 -0.06 -26.07 -19.71
N TYR D 48 1.09 -25.50 -20.06
CA TYR D 48 1.16 -24.57 -21.17
C TYR D 48 2.61 -24.41 -21.57
N GLY D 49 2.90 -24.47 -22.87
CA GLY D 49 4.24 -24.25 -23.37
C GLY D 49 5.31 -25.13 -22.76
N GLY D 50 4.96 -26.37 -22.39
CA GLY D 50 5.94 -27.30 -21.87
C GLY D 50 6.08 -27.34 -20.35
N VAL D 51 5.56 -26.34 -19.63
CA VAL D 51 5.64 -26.32 -18.17
C VAL D 51 4.32 -26.82 -17.58
N ASN D 52 4.40 -27.61 -16.52
CA ASN D 52 3.22 -28.12 -15.85
C ASN D 52 2.94 -27.31 -14.59
N PHE D 53 1.69 -26.86 -14.45
CA PHE D 53 1.28 -26.11 -13.27
C PHE D 53 0.39 -26.96 -12.39
N THR D 54 0.51 -26.78 -11.09
CA THR D 54 -0.25 -27.60 -10.16
C THR D 54 -1.13 -26.80 -9.22
N GLN D 55 -1.04 -25.46 -9.21
CA GLN D 55 -1.86 -24.65 -8.33
C GLN D 55 -2.38 -23.44 -9.10
N ARG D 56 -3.55 -22.95 -8.70
CA ARG D 56 -4.11 -21.73 -9.26
C ARG D 56 -4.52 -20.79 -8.14
N VAL D 57 -4.65 -19.50 -8.47
CA VAL D 57 -5.31 -18.54 -7.62
C VAL D 57 -6.51 -18.01 -8.38
N LYS D 58 -7.69 -18.09 -7.78
CA LYS D 58 -8.91 -17.81 -8.52
C LYS D 58 -9.68 -16.70 -7.82
N SER D 59 -10.39 -15.91 -8.62
CA SER D 59 -10.92 -14.66 -8.12
C SER D 59 -12.20 -14.87 -7.35
N GLY D 60 -12.84 -16.02 -7.53
CA GLY D 60 -14.11 -16.27 -6.91
C GLY D 60 -15.29 -15.56 -7.55
N GLY D 61 -15.08 -14.85 -8.63
CA GLY D 61 -16.18 -14.16 -9.28
C GLY D 61 -15.67 -12.95 -10.02
N LYS D 62 -16.62 -12.13 -10.48
CA LYS D 62 -16.28 -10.91 -11.18
C LYS D 62 -15.83 -9.84 -10.19
N GLY D 63 -14.99 -8.93 -10.67
CA GLY D 63 -14.49 -7.89 -9.82
C GLY D 63 -14.37 -6.56 -10.50
N THR D 64 -13.63 -5.65 -9.87
CA THR D 64 -13.40 -4.28 -10.34
C THR D 64 -11.92 -4.00 -10.18
N ILE D 65 -11.48 -2.78 -10.48
CA ILE D 65 -10.08 -2.46 -10.26
C ILE D 65 -9.68 -2.48 -8.79
N SER D 66 -10.62 -2.55 -7.87
CA SER D 66 -10.26 -2.56 -6.45
C SER D 66 -10.92 -3.71 -5.69
N LYS D 67 -11.32 -4.77 -6.40
CA LYS D 67 -12.00 -5.91 -5.81
C LYS D 67 -11.74 -7.12 -6.70
N ARG D 68 -11.21 -8.20 -6.09
CA ARG D 68 -10.75 -9.36 -6.85
C ARG D 68 -9.83 -8.92 -7.98
N ALA D 69 -8.94 -7.96 -7.67
CA ALA D 69 -8.03 -7.34 -8.62
C ALA D 69 -6.59 -7.69 -8.26
N ILE D 70 -5.70 -7.61 -9.25
CA ILE D 70 -4.28 -7.84 -9.03
C ILE D 70 -3.51 -6.61 -9.51
N SER D 71 -2.81 -5.94 -8.59
CA SER D 71 -2.10 -4.72 -8.97
C SER D 71 -0.59 -4.90 -8.88
N PHE D 72 0.13 -4.05 -9.62
CA PHE D 72 1.59 -4.09 -9.59
C PHE D 72 2.09 -2.75 -10.10
N THR D 73 3.35 -2.44 -9.78
CA THR D 73 4.00 -1.22 -10.28
C THR D 73 4.98 -1.62 -11.36
N ALA D 74 4.89 -0.95 -12.51
CA ALA D 74 5.81 -1.20 -13.60
C ALA D 74 6.88 -0.11 -13.62
N SER D 75 8.12 -0.50 -13.93
CA SER D 75 9.24 0.44 -13.96
C SER D 75 9.37 1.19 -15.27
N GLY D 76 8.59 0.83 -16.28
CA GLY D 76 8.72 1.41 -17.60
C GLY D 76 7.90 0.58 -18.56
N ALA D 77 7.87 1.03 -19.82
CA ALA D 77 7.19 0.29 -20.85
C ALA D 77 7.70 -1.14 -20.93
N GLY D 78 6.79 -2.06 -21.22
CA GLY D 78 7.13 -3.47 -21.25
C GLY D 78 5.94 -4.34 -21.60
N GLN D 79 5.94 -5.58 -21.08
CA GLN D 79 4.95 -6.59 -21.40
C GLN D 79 4.55 -7.32 -20.12
N LEU D 80 3.24 -7.55 -19.98
CA LEU D 80 2.68 -8.37 -18.91
C LEU D 80 2.12 -9.65 -19.51
N THR D 81 2.57 -10.79 -18.99
CA THR D 81 2.13 -12.12 -19.39
C THR D 81 1.19 -12.66 -18.31
N VAL D 82 -0.02 -13.07 -18.73
CA VAL D 82 -0.99 -13.68 -17.83
C VAL D 82 -1.39 -15.04 -18.40
N TYR D 83 -1.22 -16.09 -17.61
CA TYR D 83 -1.73 -17.43 -17.93
C TYR D 83 -3.04 -17.57 -17.18
N ALA D 84 -4.15 -17.49 -17.90
CA ALA D 84 -5.47 -17.48 -17.26
C ALA D 84 -6.36 -18.56 -17.88
N MET D 85 -7.25 -19.09 -17.06
CA MET D 85 -8.29 -20.00 -17.51
C MET D 85 -9.59 -19.52 -16.91
N SER D 86 -10.67 -19.57 -17.68
CA SER D 86 -11.97 -19.26 -17.09
C SER D 86 -12.29 -20.32 -16.03
N SER D 87 -12.92 -19.90 -14.94
CA SER D 87 -13.18 -20.83 -13.84
C SER D 87 -14.42 -21.69 -14.07
N GLY D 88 -15.21 -21.40 -15.10
CA GLY D 88 -16.36 -22.21 -15.46
C GLY D 88 -16.30 -22.59 -16.93
N SER D 89 -17.48 -22.72 -17.53
CA SER D 89 -17.59 -23.11 -18.93
C SER D 89 -17.59 -21.93 -19.89
N THR D 90 -18.15 -20.79 -19.46
CA THR D 90 -18.22 -19.63 -20.34
C THR D 90 -16.85 -18.97 -20.52
N SER D 91 -16.68 -18.34 -21.67
CA SER D 91 -15.51 -17.53 -21.92
C SER D 91 -15.62 -16.19 -21.18
N ARG D 92 -14.51 -15.75 -20.61
CA ARG D 92 -14.52 -14.62 -19.70
C ARG D 92 -13.27 -13.78 -19.87
N ASN D 93 -13.43 -12.47 -19.82
CA ASN D 93 -12.32 -11.58 -20.08
C ASN D 93 -11.48 -11.31 -18.83
N VAL D 94 -10.24 -10.89 -19.11
CA VAL D 94 -9.27 -10.39 -18.15
C VAL D 94 -8.83 -9.03 -18.68
N THR D 95 -9.06 -7.98 -17.88
CA THR D 95 -8.81 -6.60 -18.31
C THR D 95 -7.63 -6.00 -17.56
N LEU D 96 -6.77 -5.30 -18.30
CA LEU D 96 -5.67 -4.52 -17.74
C LEU D 96 -6.07 -3.05 -17.67
N TYR D 97 -5.96 -2.48 -16.47
CA TYR D 97 -6.29 -1.08 -16.21
C TYR D 97 -5.03 -0.29 -15.85
N GLY D 98 -4.91 0.93 -16.39
CA GLY D 98 -3.78 1.77 -16.07
C GLY D 98 -3.94 3.12 -16.74
N ASN D 99 -3.16 4.09 -16.26
CA ASN D 99 -3.30 5.46 -16.72
C ASN D 99 -4.75 5.92 -16.61
N GLY D 100 -5.43 5.50 -15.54
CA GLY D 100 -6.78 5.98 -15.31
C GLY D 100 -7.89 5.38 -16.14
N LYS D 101 -7.65 4.29 -16.87
CA LYS D 101 -8.69 3.72 -17.71
C LYS D 101 -8.40 2.26 -18.04
N ASP D 102 -9.44 1.54 -18.47
CA ASP D 102 -9.23 0.21 -19.05
C ASP D 102 -8.36 0.33 -20.30
N LEU D 103 -7.32 -0.47 -20.39
CA LEU D 103 -6.39 -0.36 -21.49
C LEU D 103 -6.53 -1.46 -22.54
N GLU D 104 -6.83 -2.68 -22.13
CA GLU D 104 -6.70 -3.85 -23.00
C GLU D 104 -7.35 -5.03 -22.29
N SER D 105 -7.97 -5.93 -23.08
CA SER D 105 -8.61 -7.13 -22.55
C SER D 105 -8.33 -8.32 -23.45
N PHE D 106 -8.38 -9.50 -22.86
CA PHE D 106 -8.27 -10.77 -23.58
C PHE D 106 -9.24 -11.76 -22.96
N THR D 107 -9.64 -12.73 -23.77
CA THR D 107 -10.66 -13.70 -23.38
C THR D 107 -10.00 -14.98 -22.89
N ALA D 108 -10.42 -15.44 -21.73
CA ALA D 108 -10.02 -16.73 -21.19
C ALA D 108 -11.14 -17.73 -21.46
N VAL D 109 -10.77 -18.97 -21.77
CA VAL D 109 -11.73 -20.00 -22.14
C VAL D 109 -11.63 -21.13 -21.12
N GLN D 110 -12.58 -22.06 -21.22
CA GLN D 110 -12.67 -23.13 -20.23
C GLN D 110 -11.54 -24.16 -20.43
N ASP D 111 -11.36 -25.00 -19.42
CA ASP D 111 -10.47 -26.16 -19.42
C ASP D 111 -8.97 -25.91 -19.59
N VAL D 112 -8.56 -24.91 -20.37
CA VAL D 112 -7.16 -24.78 -20.76
C VAL D 112 -6.65 -23.37 -20.44
N ILE D 113 -5.34 -23.27 -20.24
CA ILE D 113 -4.68 -21.98 -20.06
C ILE D 113 -4.61 -21.23 -21.37
N THR D 114 -4.94 -19.94 -21.33
CA THR D 114 -4.65 -18.99 -22.40
C THR D 114 -3.50 -18.08 -21.96
N ALA D 115 -2.47 -17.95 -22.80
CA ALA D 115 -1.39 -17.02 -22.54
C ALA D 115 -1.80 -15.65 -23.08
N MET D 116 -1.92 -14.67 -22.20
CA MET D 116 -2.28 -13.30 -22.59
C MET D 116 -1.06 -12.41 -22.47
N ASN D 117 -0.78 -11.66 -23.53
CA ASN D 117 0.36 -10.75 -23.54
C ASN D 117 -0.18 -9.33 -23.66
N PHE D 118 -0.18 -8.64 -22.52
CA PHE D 118 -0.68 -7.29 -22.40
C PHE D 118 0.47 -6.32 -22.60
N THR D 119 0.17 -5.20 -23.24
CA THR D 119 1.17 -4.14 -23.42
C THR D 119 1.18 -3.22 -22.20
N ILE D 120 2.37 -2.99 -21.65
CA ILE D 120 2.54 -2.00 -20.60
C ILE D 120 3.14 -0.75 -21.24
N PRO D 121 2.39 0.35 -21.35
CA PRO D 121 2.89 1.51 -22.10
C PRO D 121 3.90 2.39 -21.37
N ASN D 122 3.97 2.36 -20.04
CA ASN D 122 4.82 3.29 -19.30
C ASN D 122 4.89 2.84 -17.84
N SER D 123 5.82 3.45 -17.09
CA SER D 123 5.89 3.18 -15.66
C SER D 123 4.62 3.66 -14.98
N GLY D 124 4.29 3.04 -13.84
CA GLY D 124 3.06 3.35 -13.15
C GLY D 124 2.44 2.12 -12.50
N THR D 125 1.30 2.29 -11.85
CA THR D 125 0.61 1.15 -11.26
C THR D 125 -0.54 0.69 -12.15
N TYR D 126 -0.65 -0.63 -12.29
CA TYR D 126 -1.58 -1.29 -13.19
C TYR D 126 -2.37 -2.31 -12.40
N VAL D 127 -3.55 -2.64 -12.91
CA VAL D 127 -4.49 -3.56 -12.26
C VAL D 127 -5.01 -4.55 -13.30
N ILE D 128 -5.01 -5.83 -12.93
CA ILE D 128 -5.60 -6.94 -13.68
C ILE D 128 -6.89 -7.33 -12.95
N TYR D 129 -8.03 -7.24 -13.64
CA TYR D 129 -9.28 -7.57 -12.96
C TYR D 129 -10.21 -8.35 -13.88
N PRO D 130 -11.19 -9.04 -13.31
CA PRO D 130 -12.06 -9.91 -14.10
C PRO D 130 -13.45 -9.32 -14.22
N PRO D 131 -13.74 -8.62 -15.33
CA PRO D 131 -15.04 -7.91 -15.45
C PRO D 131 -16.24 -8.82 -15.63
N ASP D 132 -16.08 -10.08 -16.03
CA ASP D 132 -17.24 -10.90 -16.35
C ASP D 132 -17.60 -11.88 -15.24
N ASP D 133 -16.64 -12.69 -14.81
CA ASP D 133 -16.90 -13.81 -13.90
C ASP D 133 -15.55 -14.33 -13.42
N GLY D 134 -15.59 -15.37 -12.59
CA GLY D 134 -14.37 -15.84 -11.97
C GLY D 134 -13.32 -16.26 -12.97
N ILE D 135 -12.07 -15.98 -12.63
CA ILE D 135 -10.91 -16.28 -13.46
C ILE D 135 -9.93 -17.06 -12.60
N SER D 136 -9.32 -18.10 -13.18
CA SER D 136 -8.26 -18.86 -12.54
C SER D 136 -6.91 -18.44 -13.12
N TYR D 137 -5.98 -18.06 -12.26
CA TYR D 137 -4.67 -17.60 -12.70
C TYR D 137 -3.57 -18.58 -12.30
N TYR D 138 -2.63 -18.81 -13.23
CA TYR D 138 -1.56 -19.77 -13.05
C TYR D 138 -0.18 -19.17 -12.98
N TYR D 139 0.06 -18.07 -13.71
CA TYR D 139 1.38 -17.56 -13.95
C TYR D 139 1.24 -16.08 -14.26
N LEU D 140 2.15 -15.25 -13.74
CA LEU D 140 2.19 -13.83 -14.06
C LEU D 140 3.64 -13.44 -14.28
N LYS D 141 3.86 -12.53 -15.24
CA LYS D 141 5.20 -12.04 -15.51
C LYS D 141 5.12 -10.61 -16.02
N VAL D 142 5.90 -9.73 -15.41
CA VAL D 142 6.06 -8.35 -15.87
C VAL D 142 7.52 -8.15 -16.23
N VAL D 143 7.78 -7.69 -17.45
CA VAL D 143 9.12 -7.33 -17.86
C VAL D 143 9.14 -5.90 -18.38
N LYS D 144 10.29 -5.25 -18.26
CA LYS D 144 10.52 -3.91 -18.79
C LYS D 144 11.38 -4.04 -20.05
N THR D 145 10.92 -3.42 -21.14
CA THR D 145 11.70 -3.41 -22.38
C THR D 145 13.02 -2.68 -22.15
N ASP D 146 14.13 -3.33 -22.51
CA ASP D 146 15.44 -2.73 -22.30
C ASP D 146 15.93 -2.00 -23.55
#